data_1B8V
#
_entry.id   1B8V
#
_cell.length_a   59.020
_cell.length_b   102.520
_cell.length_c   53.960
_cell.angle_alpha   90.00
_cell.angle_beta   90.00
_cell.angle_gamma   90.00
#
_symmetry.space_group_name_H-M   'P 21 21 2'
#
loop_
_entity.id
_entity.type
_entity.pdbx_description
1 polymer 'PROTEIN (MALATE DEHYDROGENASE)'
2 non-polymer NICOTINAMIDE-ADENINE-DINUCLEOTIDE
3 water water
#
_entity_poly.entity_id   1
_entity_poly.type   'polypeptide(L)'
_entity_poly.pdbx_seq_one_letter_code
;MAKTPMRVAVTGAAGQICYSLLFRIANGDMLGKDQPVILQLLEIPNEKAQKALQGVMMEIDDCAFPLLAGMTAHADPMTA
FKDADVALLVGARPRGPGMERKDLLEANAQIFTVQGKAIDAVASRNIKVLVVGNPANTNAYIAMKSAPSLPAKNFTAMLR
LDHNRALSQIAAKTGKPVSSIEKLFVWGNHSPTMYADYRYAQIDGASVKDMINDDAWNRDTFLPTVGKRGAAIIDARGVS
SAASAANAAIDHIHDWVLGTAGKWTTMGIPSDGSYGIPEGVIFGFPVTTENGEYKIVQGLSIDAFSQERINVTLNELLEE
QNGVQHLLG
;
_entity_poly.pdbx_strand_id   A
#
# COMPACT_ATOMS: atom_id res chain seq x y z
N LYS A 3 18.58 17.08 -9.66
CA LYS A 3 18.48 17.40 -8.20
C LYS A 3 19.11 16.33 -7.31
N THR A 4 19.24 16.64 -6.02
CA THR A 4 19.85 15.71 -5.07
C THR A 4 19.09 14.38 -4.95
N PRO A 5 19.80 13.24 -5.09
CA PRO A 5 19.20 11.91 -5.01
C PRO A 5 18.49 11.58 -3.71
N MET A 6 17.39 10.85 -3.83
CA MET A 6 16.62 10.44 -2.67
C MET A 6 16.95 8.98 -2.40
N ARG A 7 17.11 8.61 -1.13
CA ARG A 7 17.42 7.23 -0.77
C ARG A 7 16.12 6.48 -0.55
N VAL A 8 15.93 5.42 -1.32
CA VAL A 8 14.72 4.61 -1.23
C VAL A 8 15.07 3.23 -0.74
N ALA A 9 14.53 2.85 0.41
CA ALA A 9 14.76 1.54 1.00
C ALA A 9 13.62 0.62 0.62
N VAL A 10 13.94 -0.57 0.14
CA VAL A 10 12.91 -1.53 -0.25
C VAL A 10 13.21 -2.91 0.35
N THR A 11 12.25 -3.47 1.07
CA THR A 11 12.41 -4.80 1.68
C THR A 11 11.83 -5.88 0.75
N GLY A 12 12.19 -7.14 1.01
CA GLY A 12 11.72 -8.24 0.18
C GLY A 12 12.18 -8.11 -1.25
N ALA A 13 13.35 -7.49 -1.42
CA ALA A 13 13.93 -7.19 -2.73
C ALA A 13 14.17 -8.32 -3.71
N ALA A 14 14.31 -9.55 -3.25
CA ALA A 14 14.52 -10.67 -4.17
C ALA A 14 13.17 -11.34 -4.48
N GLY A 15 12.07 -10.75 -4.04
CA GLY A 15 10.76 -11.31 -4.28
C GLY A 15 10.07 -10.89 -5.57
N GLN A 16 8.90 -11.46 -5.83
CA GLN A 16 8.16 -11.16 -7.06
C GLN A 16 7.68 -9.72 -7.23
N ILE A 17 6.98 -9.16 -6.25
CA ILE A 17 6.51 -7.78 -6.38
C ILE A 17 7.67 -6.83 -6.69
N CYS A 18 8.79 -7.02 -6.01
CA CYS A 18 9.94 -6.17 -6.23
C CYS A 18 10.56 -6.36 -7.62
N TYR A 19 10.40 -7.55 -8.20
CA TYR A 19 10.94 -7.80 -9.53
C TYR A 19 10.29 -6.88 -10.56
N SER A 20 9.03 -6.52 -10.34
CA SER A 20 8.32 -5.61 -11.24
C SER A 20 8.48 -4.18 -10.71
N LEU A 21 8.68 -4.05 -9.41
CA LEU A 21 8.82 -2.76 -8.77
C LEU A 21 10.13 -2.00 -8.96
N LEU A 22 11.24 -2.65 -8.63
CA LEU A 22 12.56 -2.01 -8.71
C LEU A 22 12.94 -1.33 -10.02
N PHE A 23 12.63 -1.98 -11.14
CA PHE A 23 12.93 -1.45 -12.47
C PHE A 23 12.16 -0.17 -12.80
N ARG A 24 10.93 -0.08 -12.32
CA ARG A 24 10.10 1.09 -12.56
C ARG A 24 10.50 2.27 -11.69
N ILE A 25 10.99 1.99 -10.48
CA ILE A 25 11.45 3.05 -9.59
C ILE A 25 12.74 3.61 -10.22
N ALA A 26 13.64 2.72 -10.62
CA ALA A 26 14.91 3.14 -11.23
C ALA A 26 14.69 3.89 -12.54
N ASN A 27 13.58 3.59 -13.20
CA ASN A 27 13.23 4.25 -14.46
C ASN A 27 12.66 5.66 -14.19
N GLY A 28 12.36 5.94 -12.92
CA GLY A 28 11.84 7.24 -12.55
C GLY A 28 10.33 7.37 -12.51
N ASP A 29 9.61 6.27 -12.43
CA ASP A 29 8.16 6.32 -12.40
C ASP A 29 7.61 6.78 -11.06
N MET A 30 8.33 6.49 -9.99
CA MET A 30 7.89 6.84 -8.65
C MET A 30 8.07 8.28 -8.16
N LEU A 31 9.24 8.86 -8.37
CA LEU A 31 9.50 10.22 -7.88
C LEU A 31 9.74 11.27 -8.94
N GLY A 32 9.62 10.92 -10.21
CA GLY A 32 9.84 11.87 -11.28
C GLY A 32 11.06 11.56 -12.13
N LYS A 33 10.97 11.92 -13.42
CA LYS A 33 12.03 11.68 -14.37
C LYS A 33 13.27 12.56 -14.13
N ASP A 34 13.14 13.53 -13.25
CA ASP A 34 14.22 14.44 -12.93
C ASP A 34 14.80 14.16 -11.54
N GLN A 35 14.34 13.09 -10.89
CA GLN A 35 14.79 12.76 -9.54
C GLN A 35 15.70 11.54 -9.43
N PRO A 36 17.00 11.76 -9.20
CA PRO A 36 17.93 10.63 -9.08
C PRO A 36 17.59 9.81 -7.83
N VAL A 37 17.76 8.50 -7.90
CA VAL A 37 17.47 7.67 -6.75
C VAL A 37 18.62 6.75 -6.34
N ILE A 38 18.72 6.48 -5.04
CA ILE A 38 19.70 5.55 -4.50
C ILE A 38 18.84 4.42 -3.91
N LEU A 39 19.12 3.17 -4.27
CA LEU A 39 18.33 2.04 -3.77
C LEU A 39 19.07 1.24 -2.71
N GLN A 40 18.46 1.11 -1.54
CA GLN A 40 19.06 0.35 -0.46
C GLN A 40 18.11 -0.84 -0.31
N LEU A 41 18.54 -1.98 -0.85
CA LEU A 41 17.74 -3.19 -0.88
C LEU A 41 17.96 -4.15 0.28
N LEU A 42 16.87 -4.66 0.84
CA LEU A 42 16.94 -5.57 1.98
C LEU A 42 16.29 -6.93 1.73
N GLU A 43 16.96 -7.97 2.20
CA GLU A 43 16.47 -9.34 2.11
C GLU A 43 16.90 -10.05 3.37
N ILE A 44 16.31 -11.22 3.62
CA ILE A 44 16.66 -11.99 4.80
C ILE A 44 18.11 -12.41 4.66
N PRO A 45 18.80 -12.67 5.79
CA PRO A 45 20.21 -13.06 5.80
C PRO A 45 20.60 -14.33 5.04
N ASN A 46 19.63 -15.21 4.78
CA ASN A 46 19.92 -16.46 4.07
C ASN A 46 20.62 -16.36 2.73
N GLU A 47 21.64 -17.19 2.57
CA GLU A 47 22.46 -17.25 1.36
C GLU A 47 21.69 -17.26 0.05
N LYS A 48 20.66 -18.10 -0.03
CA LYS A 48 19.85 -18.20 -1.23
C LYS A 48 19.17 -16.87 -1.60
N ALA A 49 18.55 -16.23 -0.62
CA ALA A 49 17.88 -14.96 -0.86
C ALA A 49 18.86 -13.84 -1.20
N GLN A 50 20.02 -13.85 -0.54
CA GLN A 50 21.04 -12.84 -0.76
C GLN A 50 21.68 -12.97 -2.14
N LYS A 51 21.84 -14.21 -2.60
CA LYS A 51 22.43 -14.46 -3.91
C LYS A 51 21.46 -14.06 -5.00
N ALA A 52 20.17 -14.29 -4.75
CA ALA A 52 19.12 -13.92 -5.70
C ALA A 52 19.04 -12.40 -5.78
N LEU A 53 19.20 -11.74 -4.64
CA LEU A 53 19.18 -10.28 -4.57
C LEU A 53 20.36 -9.74 -5.36
N GLN A 54 21.45 -10.51 -5.38
CA GLN A 54 22.63 -10.10 -6.12
C GLN A 54 22.29 -10.19 -7.61
N GLY A 55 21.56 -11.23 -8.00
CA GLY A 55 21.15 -11.43 -9.37
C GLY A 55 20.26 -10.32 -9.89
N VAL A 56 19.31 -9.89 -9.07
CA VAL A 56 18.41 -8.81 -9.44
C VAL A 56 19.17 -7.50 -9.65
N MET A 57 20.17 -7.26 -8.80
CA MET A 57 20.99 -6.06 -8.92
C MET A 57 21.78 -6.07 -10.24
N MET A 58 22.25 -7.26 -10.64
CA MET A 58 22.98 -7.41 -11.89
C MET A 58 22.08 -6.96 -13.04
N GLU A 59 20.82 -7.41 -13.01
CA GLU A 59 19.86 -7.04 -14.04
C GLU A 59 19.61 -5.53 -14.05
N ILE A 60 19.51 -4.93 -12.85
CA ILE A 60 19.27 -3.49 -12.77
C ILE A 60 20.41 -2.71 -13.39
N ASP A 61 21.64 -3.16 -13.20
CA ASP A 61 22.80 -2.50 -13.80
C ASP A 61 22.75 -2.65 -15.32
N ASP A 62 22.29 -3.82 -15.77
CA ASP A 62 22.20 -4.11 -17.18
C ASP A 62 21.11 -3.35 -17.92
N CYS A 63 20.40 -2.48 -17.21
CA CYS A 63 19.38 -1.66 -17.83
C CYS A 63 19.91 -0.28 -18.13
N ALA A 64 21.08 0.02 -17.60
CA ALA A 64 21.70 1.33 -17.82
C ALA A 64 20.77 2.53 -17.54
N PHE A 65 20.14 2.55 -16.36
CA PHE A 65 19.25 3.65 -15.94
C PHE A 65 20.04 4.91 -15.55
N PRO A 66 19.84 6.01 -16.28
CA PRO A 66 20.56 7.26 -15.97
C PRO A 66 20.26 7.84 -14.58
N LEU A 67 19.08 7.57 -14.04
CA LEU A 67 18.67 8.07 -12.73
C LEU A 67 19.19 7.29 -11.52
N LEU A 68 19.65 6.06 -11.74
CA LEU A 68 20.14 5.26 -10.61
C LEU A 68 21.50 5.78 -10.14
N ALA A 69 21.46 6.54 -9.05
CA ALA A 69 22.67 7.13 -8.48
C ALA A 69 23.45 6.19 -7.59
N GLY A 70 22.86 5.05 -7.24
CA GLY A 70 23.55 4.13 -6.36
C GLY A 70 22.64 2.99 -5.98
N MET A 71 23.23 1.91 -5.48
CA MET A 71 22.45 0.75 -5.11
C MET A 71 23.27 -0.20 -4.22
N THR A 72 22.76 -0.49 -3.03
CA THR A 72 23.45 -1.37 -2.09
C THR A 72 22.53 -2.46 -1.56
N ALA A 73 23.10 -3.61 -1.22
CA ALA A 73 22.33 -4.73 -0.69
C ALA A 73 22.60 -4.86 0.80
N HIS A 74 21.59 -5.26 1.57
CA HIS A 74 21.72 -5.41 3.01
C HIS A 74 21.02 -6.65 3.52
N ALA A 75 21.41 -7.09 4.69
CA ALA A 75 20.80 -8.25 5.33
C ALA A 75 20.37 -7.84 6.74
N ASP A 76 20.56 -6.56 7.05
CA ASP A 76 20.25 -5.99 8.36
C ASP A 76 19.42 -4.72 8.17
N PRO A 77 18.21 -4.66 8.77
CA PRO A 77 17.37 -3.47 8.62
C PRO A 77 18.01 -2.17 9.14
N MET A 78 18.97 -2.32 10.07
CA MET A 78 19.66 -1.18 10.66
C MET A 78 20.55 -0.42 9.66
N THR A 79 21.08 -1.13 8.67
CA THR A 79 21.90 -0.50 7.64
C THR A 79 21.03 -0.20 6.42
N ALA A 80 20.06 -1.06 6.15
CA ALA A 80 19.17 -0.85 5.01
C ALA A 80 18.36 0.45 5.09
N PHE A 81 17.87 0.79 6.27
CA PHE A 81 17.06 2.00 6.45
C PHE A 81 17.83 3.28 6.74
N LYS A 82 19.16 3.18 6.73
CA LYS A 82 20.05 4.30 6.98
C LYS A 82 19.77 5.52 6.10
N ASP A 83 19.39 6.62 6.73
CA ASP A 83 19.10 7.87 6.03
C ASP A 83 18.06 7.77 4.92
N ALA A 84 17.23 6.73 4.96
CA ALA A 84 16.22 6.54 3.93
C ALA A 84 15.16 7.65 3.93
N ASP A 85 14.84 8.15 2.74
CA ASP A 85 13.83 9.19 2.58
C ASP A 85 12.46 8.55 2.39
N VAL A 86 12.46 7.38 1.76
CA VAL A 86 11.25 6.64 1.48
C VAL A 86 11.51 5.17 1.76
N ALA A 87 10.51 4.46 2.26
CA ALA A 87 10.67 3.04 2.54
C ALA A 87 9.43 2.28 2.08
N LEU A 88 9.64 1.22 1.32
CA LEU A 88 8.55 0.37 0.85
C LEU A 88 8.79 -0.98 1.49
N LEU A 89 7.94 -1.29 2.46
CA LEU A 89 8.02 -2.54 3.22
C LEU A 89 7.18 -3.61 2.55
N VAL A 90 7.80 -4.31 1.61
CA VAL A 90 7.15 -5.37 0.86
C VAL A 90 7.38 -6.75 1.47
N GLY A 91 8.53 -6.93 2.12
CA GLY A 91 8.84 -8.21 2.74
C GLY A 91 7.93 -8.56 3.89
N ALA A 92 7.48 -9.80 3.93
CA ALA A 92 6.59 -10.25 4.99
C ALA A 92 6.51 -11.77 5.00
N ARG A 93 6.01 -12.32 6.11
CA ARG A 93 5.87 -13.75 6.24
C ARG A 93 4.52 -14.20 5.69
N PRO A 94 4.53 -15.04 4.64
CA PRO A 94 3.28 -15.54 4.04
C PRO A 94 2.69 -16.67 4.91
N ARG A 95 1.45 -17.04 4.63
CA ARG A 95 0.79 -18.10 5.40
C ARG A 95 0.94 -19.48 4.76
N GLY A 96 1.54 -20.40 5.50
CA GLY A 96 1.73 -21.75 4.98
C GLY A 96 0.72 -22.76 5.51
N PRO A 97 1.00 -24.06 5.29
CA PRO A 97 0.16 -25.19 5.73
C PRO A 97 0.12 -25.35 7.25
N GLY A 98 -1.08 -25.59 7.78
CA GLY A 98 -1.25 -25.75 9.22
C GLY A 98 -1.06 -24.47 10.02
N MET A 99 -0.67 -23.39 9.34
CA MET A 99 -0.45 -22.10 9.97
C MET A 99 -1.76 -21.36 10.23
N GLU A 100 -2.06 -21.11 11.51
CA GLU A 100 -3.27 -20.40 11.89
C GLU A 100 -3.09 -18.90 11.79
N ARG A 101 -4.21 -18.17 11.88
CA ARG A 101 -4.20 -16.73 11.80
C ARG A 101 -3.33 -16.10 12.90
N LYS A 102 -3.38 -16.66 14.10
CA LYS A 102 -2.59 -16.14 15.20
C LYS A 102 -1.11 -16.31 14.93
N ASP A 103 -0.77 -17.38 14.20
CA ASP A 103 0.62 -17.65 13.83
C ASP A 103 1.10 -16.67 12.78
N LEU A 104 0.20 -16.30 11.87
CA LEU A 104 0.51 -15.36 10.82
C LEU A 104 0.76 -13.96 11.40
N LEU A 105 -0.13 -13.52 12.28
CA LEU A 105 -0.04 -12.20 12.92
C LEU A 105 1.24 -12.05 13.74
N GLU A 106 1.57 -13.06 14.53
CA GLU A 106 2.78 -13.01 15.34
C GLU A 106 4.07 -13.02 14.52
N ALA A 107 4.12 -13.88 13.50
CA ALA A 107 5.29 -13.98 12.64
C ALA A 107 5.57 -12.61 12.04
N ASN A 108 4.52 -11.97 11.52
CA ASN A 108 4.67 -10.65 10.90
C ASN A 108 4.89 -9.54 11.91
N ALA A 109 4.30 -9.67 13.09
CA ALA A 109 4.48 -8.68 14.15
C ALA A 109 5.96 -8.60 14.48
N GLN A 110 6.61 -9.75 14.54
CA GLN A 110 8.02 -9.81 14.95
C GLN A 110 8.92 -9.21 13.86
N ILE A 111 8.46 -9.20 12.60
CA ILE A 111 9.24 -8.61 11.52
C ILE A 111 9.10 -7.11 11.60
N PHE A 112 7.87 -6.64 11.67
CA PHE A 112 7.58 -5.22 11.68
C PHE A 112 7.93 -4.41 12.92
N THR A 113 8.05 -5.05 14.07
CA THR A 113 8.43 -4.32 15.28
C THR A 113 9.92 -3.99 15.10
N VAL A 114 10.67 -4.96 14.60
CA VAL A 114 12.10 -4.79 14.36
C VAL A 114 12.39 -3.77 13.26
N GLN A 115 11.67 -3.86 12.14
CA GLN A 115 11.89 -2.93 11.05
C GLN A 115 11.46 -1.53 11.47
N GLY A 116 10.39 -1.46 12.27
CA GLY A 116 9.92 -0.17 12.75
C GLY A 116 10.92 0.49 13.67
N LYS A 117 11.52 -0.28 14.58
CA LYS A 117 12.51 0.27 15.49
C LYS A 117 13.73 0.75 14.71
N ALA A 118 14.11 -0.02 13.70
CA ALA A 118 15.25 0.31 12.85
C ALA A 118 15.05 1.64 12.15
N ILE A 119 13.86 1.82 11.59
CA ILE A 119 13.52 3.06 10.91
C ILE A 119 13.58 4.22 11.91
N ASP A 120 13.02 3.98 13.08
CA ASP A 120 12.97 4.96 14.16
C ASP A 120 14.38 5.48 14.47
N ALA A 121 15.32 4.55 14.53
CA ALA A 121 16.70 4.85 14.86
C ALA A 121 17.58 5.48 13.78
N VAL A 122 17.52 4.96 12.56
CA VAL A 122 18.41 5.44 11.51
C VAL A 122 17.86 6.15 10.27
N ALA A 123 16.55 6.09 10.03
CA ALA A 123 16.00 6.71 8.83
C ALA A 123 15.90 8.23 8.92
N SER A 124 15.58 8.87 7.81
CA SER A 124 15.40 10.32 7.81
C SER A 124 14.30 10.63 8.84
N ARG A 125 14.40 11.78 9.52
CA ARG A 125 13.43 12.17 10.54
C ARG A 125 12.01 12.36 9.99
N ASN A 126 11.89 12.49 8.67
CA ASN A 126 10.59 12.66 8.02
C ASN A 126 10.36 11.65 6.90
N ILE A 127 10.84 10.42 7.10
CA ILE A 127 10.70 9.39 6.11
C ILE A 127 9.24 9.06 5.82
N LYS A 128 8.96 8.74 4.57
CA LYS A 128 7.62 8.35 4.13
C LYS A 128 7.66 6.84 4.07
N VAL A 129 6.74 6.18 4.77
CA VAL A 129 6.72 4.73 4.81
C VAL A 129 5.45 4.17 4.18
N LEU A 130 5.60 3.14 3.35
CA LEU A 130 4.47 2.48 2.71
C LEU A 130 4.63 0.99 2.99
N VAL A 131 3.57 0.38 3.53
CA VAL A 131 3.59 -1.05 3.81
C VAL A 131 2.72 -1.79 2.79
N VAL A 132 3.34 -2.73 2.07
CA VAL A 132 2.67 -3.53 1.06
C VAL A 132 2.47 -4.95 1.63
N GLY A 133 3.46 -5.44 2.35
CA GLY A 133 3.38 -6.77 2.95
C GLY A 133 2.14 -6.99 3.80
N ASN A 134 1.50 -8.13 3.60
CA ASN A 134 0.27 -8.49 4.30
C ASN A 134 0.46 -9.15 5.66
N PRO A 135 -0.43 -8.83 6.63
CA PRO A 135 -1.57 -7.90 6.50
C PRO A 135 -1.08 -6.44 6.50
N ALA A 136 -1.23 -5.77 5.37
CA ALA A 136 -0.75 -4.39 5.20
C ALA A 136 -1.10 -3.38 6.28
N ASN A 137 -2.39 -3.17 6.49
CA ASN A 137 -2.85 -2.20 7.49
C ASN A 137 -2.26 -2.49 8.87
N THR A 138 -2.39 -3.73 9.31
CA THR A 138 -1.91 -4.12 10.63
C THR A 138 -0.39 -4.04 10.75
N ASN A 139 0.32 -4.43 9.69
CA ASN A 139 1.77 -4.38 9.71
C ASN A 139 2.23 -2.94 9.78
N ALA A 140 1.46 -2.05 9.16
CA ALA A 140 1.78 -0.62 9.17
C ALA A 140 1.56 -0.05 10.56
N TYR A 141 0.57 -0.58 11.27
CA TYR A 141 0.23 -0.16 12.63
C TYR A 141 1.33 -0.56 13.60
N ILE A 142 1.84 -1.78 13.46
CA ILE A 142 2.92 -2.30 14.29
C ILE A 142 4.18 -1.44 14.10
N ALA A 143 4.54 -1.19 12.85
CA ALA A 143 5.73 -0.39 12.53
C ALA A 143 5.60 1.01 13.13
N MET A 144 4.46 1.64 12.89
CA MET A 144 4.17 2.97 13.42
C MET A 144 4.31 2.98 14.94
N LYS A 145 3.69 2.01 15.60
CA LYS A 145 3.75 1.91 17.06
C LYS A 145 5.17 1.67 17.55
N SER A 146 5.97 1.01 16.71
CA SER A 146 7.34 0.70 17.05
C SER A 146 8.30 1.85 16.74
N ALA A 147 7.78 2.94 16.20
CA ALA A 147 8.60 4.09 15.85
C ALA A 147 8.11 5.38 16.51
N PRO A 148 8.21 5.46 17.85
CA PRO A 148 7.78 6.63 18.63
C PRO A 148 8.38 7.99 18.29
N SER A 149 9.60 8.02 17.75
CA SER A 149 10.22 9.31 17.42
C SER A 149 9.80 9.90 16.07
N LEU A 150 9.14 9.10 15.25
CA LEU A 150 8.70 9.56 13.93
C LEU A 150 7.22 9.95 13.94
N PRO A 151 6.80 10.84 13.03
CA PRO A 151 5.38 11.24 12.98
C PRO A 151 4.54 10.07 12.49
N ALA A 152 3.45 9.79 13.21
CA ALA A 152 2.56 8.69 12.87
C ALA A 152 1.91 8.77 11.49
N LYS A 153 1.64 9.99 11.01
CA LYS A 153 1.02 10.17 9.70
C LYS A 153 1.93 9.70 8.55
N ASN A 154 3.21 9.48 8.85
CA ASN A 154 4.17 9.03 7.84
C ASN A 154 4.08 7.51 7.56
N PHE A 155 3.26 6.80 8.32
CA PHE A 155 3.10 5.37 8.13
C PHE A 155 1.79 5.05 7.41
N THR A 156 1.90 4.54 6.19
CA THR A 156 0.72 4.21 5.40
C THR A 156 0.71 2.76 4.91
N ALA A 157 -0.47 2.31 4.51
CA ALA A 157 -0.66 0.96 4.00
C ALA A 157 -1.25 1.14 2.61
N MET A 158 -1.01 0.17 1.74
CA MET A 158 -1.49 0.23 0.37
C MET A 158 -2.88 -0.32 0.16
N LEU A 159 -3.77 0.57 -0.26
CA LEU A 159 -5.16 0.24 -0.58
C LEU A 159 -5.35 0.62 -2.05
N ARG A 160 -4.27 1.11 -2.66
CA ARG A 160 -4.25 1.54 -4.04
C ARG A 160 -4.55 0.43 -5.05
N LEU A 161 -4.18 -0.80 -4.74
CA LEU A 161 -4.50 -1.91 -5.66
C LEU A 161 -6.01 -2.16 -5.67
N ASP A 162 -6.64 -2.08 -4.51
CA ASP A 162 -8.09 -2.26 -4.40
C ASP A 162 -8.77 -1.12 -5.17
N HIS A 163 -8.20 0.07 -5.01
CA HIS A 163 -8.67 1.27 -5.65
C HIS A 163 -8.62 1.17 -7.19
N ASN A 164 -7.47 0.77 -7.73
CA ASN A 164 -7.31 0.65 -9.18
C ASN A 164 -8.14 -0.50 -9.77
N ARG A 165 -8.33 -1.56 -8.99
CA ARG A 165 -9.14 -2.68 -9.40
C ARG A 165 -10.61 -2.24 -9.48
N ALA A 166 -11.04 -1.40 -8.53
CA ALA A 166 -12.41 -0.88 -8.52
C ALA A 166 -12.62 0.02 -9.75
N LEU A 167 -11.59 0.81 -10.05
CA LEU A 167 -11.57 1.73 -11.17
C LEU A 167 -11.77 0.98 -12.48
N SER A 168 -11.08 -0.15 -12.59
CA SER A 168 -11.12 -1.02 -13.75
C SER A 168 -12.54 -1.55 -14.00
N GLN A 169 -13.17 -2.07 -12.95
CA GLN A 169 -14.52 -2.62 -13.06
C GLN A 169 -15.54 -1.55 -13.45
N ILE A 170 -15.41 -0.34 -12.91
CA ILE A 170 -16.34 0.74 -13.23
C ILE A 170 -16.23 1.11 -14.71
N ALA A 171 -15.00 1.26 -15.20
CA ALA A 171 -14.75 1.61 -16.59
C ALA A 171 -15.33 0.54 -17.53
N ALA A 172 -15.10 -0.72 -17.18
CA ALA A 172 -15.61 -1.82 -17.98
C ALA A 172 -17.14 -1.84 -18.00
N LYS A 173 -17.75 -1.43 -16.90
CA LYS A 173 -19.21 -1.43 -16.77
C LYS A 173 -19.84 -0.27 -17.53
N THR A 174 -19.23 0.90 -17.45
CA THR A 174 -19.75 2.10 -18.11
C THR A 174 -19.29 2.30 -19.54
N GLY A 175 -18.28 1.51 -19.94
CA GLY A 175 -17.73 1.62 -21.27
C GLY A 175 -16.96 2.91 -21.44
N LYS A 176 -16.65 3.56 -20.32
CA LYS A 176 -15.92 4.82 -20.34
C LYS A 176 -14.45 4.60 -19.97
N PRO A 177 -13.56 5.47 -20.50
CA PRO A 177 -12.12 5.36 -20.21
C PRO A 177 -11.82 5.46 -18.73
N VAL A 178 -10.98 4.54 -18.25
CA VAL A 178 -10.59 4.47 -16.85
C VAL A 178 -10.08 5.81 -16.32
N SER A 179 -9.48 6.60 -17.20
CA SER A 179 -8.94 7.88 -16.80
C SER A 179 -9.99 8.99 -16.61
N SER A 180 -11.23 8.77 -17.05
CA SER A 180 -12.26 9.80 -16.88
C SER A 180 -13.01 9.70 -15.55
N ILE A 181 -12.80 8.62 -14.82
CA ILE A 181 -13.46 8.39 -13.54
C ILE A 181 -12.87 9.22 -12.40
N GLU A 182 -13.73 9.93 -11.68
CA GLU A 182 -13.31 10.76 -10.57
C GLU A 182 -14.07 10.38 -9.31
N LYS A 183 -13.54 10.85 -8.19
CA LYS A 183 -14.11 10.64 -6.86
C LYS A 183 -14.47 9.24 -6.42
N LEU A 184 -13.78 8.22 -6.95
CA LEU A 184 -14.02 6.85 -6.52
C LEU A 184 -12.95 6.59 -5.46
N PHE A 185 -13.25 5.75 -4.48
CA PHE A 185 -12.30 5.45 -3.42
C PHE A 185 -12.73 4.19 -2.68
N VAL A 186 -11.87 3.75 -1.77
CA VAL A 186 -12.09 2.54 -0.99
C VAL A 186 -11.90 2.81 0.51
N TRP A 187 -12.77 2.23 1.33
CA TRP A 187 -12.66 2.39 2.79
C TRP A 187 -12.11 1.09 3.37
N GLY A 188 -11.48 1.22 4.53
CA GLY A 188 -11.01 0.04 5.26
C GLY A 188 -9.72 -0.70 5.09
N ASN A 189 -9.84 -2.00 5.34
CA ASN A 189 -8.76 -2.98 5.29
C ASN A 189 -8.47 -3.49 3.88
N HIS A 190 -7.20 -3.68 3.58
CA HIS A 190 -6.83 -4.23 2.29
C HIS A 190 -7.13 -5.73 2.46
N SER A 191 -8.36 -6.11 2.18
CA SER A 191 -8.76 -7.51 2.31
C SER A 191 -10.09 -7.65 1.58
N PRO A 192 -10.67 -8.86 1.59
CA PRO A 192 -11.95 -8.96 0.89
C PRO A 192 -13.06 -8.16 1.57
N THR A 193 -12.79 -7.65 2.77
CA THR A 193 -13.80 -6.86 3.47
C THR A 193 -13.69 -5.38 3.10
N MET A 194 -12.83 -5.07 2.14
CA MET A 194 -12.68 -3.67 1.73
C MET A 194 -14.00 -3.20 1.12
N TYR A 195 -14.25 -1.91 1.18
CA TYR A 195 -15.49 -1.38 0.65
C TYR A 195 -15.27 -0.27 -0.38
N ALA A 196 -15.33 -0.66 -1.66
CA ALA A 196 -15.18 0.28 -2.76
C ALA A 196 -16.45 1.10 -2.82
N ASP A 197 -16.35 2.39 -2.56
CA ASP A 197 -17.50 3.26 -2.53
C ASP A 197 -17.63 4.03 -3.84
N TYR A 198 -18.72 3.81 -4.59
CA TYR A 198 -18.92 4.50 -5.87
C TYR A 198 -20.03 5.55 -5.83
N ARG A 199 -20.50 5.88 -4.64
CA ARG A 199 -21.59 6.84 -4.46
C ARG A 199 -21.30 8.27 -4.89
N TYR A 200 -20.03 8.68 -4.87
CA TYR A 200 -19.66 10.06 -5.30
C TYR A 200 -18.86 10.07 -6.60
N ALA A 201 -18.57 8.91 -7.16
CA ALA A 201 -17.81 8.82 -8.41
C ALA A 201 -18.55 9.51 -9.55
N GLN A 202 -17.80 10.22 -10.38
CA GLN A 202 -18.35 10.92 -11.54
C GLN A 202 -17.55 10.65 -12.80
N ILE A 203 -18.22 10.74 -13.95
CA ILE A 203 -17.60 10.57 -15.25
C ILE A 203 -18.15 11.72 -16.10
N ASP A 204 -17.28 12.69 -16.38
CA ASP A 204 -17.63 13.88 -17.15
C ASP A 204 -18.66 14.73 -16.42
N GLY A 205 -18.62 14.71 -15.10
CA GLY A 205 -19.56 15.48 -14.29
C GLY A 205 -20.89 14.79 -14.12
N ALA A 206 -20.99 13.54 -14.56
CA ALA A 206 -22.21 12.76 -14.46
C ALA A 206 -22.06 11.67 -13.41
N SER A 207 -23.12 11.44 -12.65
CA SER A 207 -23.12 10.41 -11.60
C SER A 207 -22.99 8.97 -12.11
N VAL A 208 -21.92 8.30 -11.69
CA VAL A 208 -21.68 6.92 -12.07
C VAL A 208 -22.79 6.02 -11.52
N LYS A 209 -23.20 6.29 -10.30
CA LYS A 209 -24.25 5.51 -9.64
C LYS A 209 -25.56 5.58 -10.43
N ASP A 210 -25.95 6.78 -10.85
CA ASP A 210 -27.18 6.97 -11.61
C ASP A 210 -27.03 6.47 -13.03
N MET A 211 -25.80 6.49 -13.51
CA MET A 211 -25.49 6.03 -14.85
C MET A 211 -25.78 4.53 -14.91
N ILE A 212 -25.32 3.81 -13.89
CA ILE A 212 -25.51 2.37 -13.81
C ILE A 212 -26.94 2.05 -13.39
N ASN A 213 -27.46 2.83 -12.46
CA ASN A 213 -28.83 2.68 -11.97
C ASN A 213 -29.24 1.24 -11.68
N ASP A 214 -28.42 0.55 -10.90
CA ASP A 214 -28.68 -0.83 -10.52
C ASP A 214 -27.79 -1.15 -9.32
N ASP A 215 -28.29 -0.81 -8.13
CA ASP A 215 -27.54 -1.02 -6.90
C ASP A 215 -27.35 -2.50 -6.60
N ALA A 216 -28.13 -3.36 -7.25
CA ALA A 216 -27.99 -4.78 -7.05
C ALA A 216 -26.66 -5.17 -7.67
N TRP A 217 -26.31 -4.50 -8.78
CA TRP A 217 -25.04 -4.77 -9.44
C TRP A 217 -23.93 -4.41 -8.47
N ASN A 218 -24.11 -3.29 -7.80
CA ASN A 218 -23.16 -2.80 -6.83
C ASN A 218 -22.89 -3.85 -5.74
N ARG A 219 -23.96 -4.32 -5.11
CA ARG A 219 -23.84 -5.31 -4.03
C ARG A 219 -23.40 -6.70 -4.42
N ASP A 220 -24.10 -7.31 -5.38
CA ASP A 220 -23.77 -8.69 -5.75
C ASP A 220 -22.77 -8.96 -6.86
N THR A 221 -22.29 -7.92 -7.52
CA THR A 221 -21.33 -8.08 -8.62
C THR A 221 -20.06 -7.24 -8.44
N PHE A 222 -20.22 -5.92 -8.34
CA PHE A 222 -19.07 -5.01 -8.18
C PHE A 222 -18.21 -5.28 -6.95
N LEU A 223 -18.82 -5.26 -5.77
CA LEU A 223 -18.08 -5.48 -4.53
C LEU A 223 -17.39 -6.85 -4.44
N PRO A 224 -18.13 -7.94 -4.71
CA PRO A 224 -17.50 -9.27 -4.64
C PRO A 224 -16.36 -9.52 -5.63
N THR A 225 -16.46 -8.92 -6.82
CA THR A 225 -15.46 -9.09 -7.86
C THR A 225 -14.15 -8.41 -7.47
N VAL A 226 -14.23 -7.16 -7.03
CA VAL A 226 -13.04 -6.43 -6.62
C VAL A 226 -12.45 -7.14 -5.38
N GLY A 227 -13.31 -7.50 -4.44
CA GLY A 227 -12.85 -8.16 -3.23
C GLY A 227 -12.11 -9.47 -3.43
N LYS A 228 -12.47 -10.21 -4.48
CA LYS A 228 -11.85 -11.50 -4.74
C LYS A 228 -10.96 -11.52 -5.98
N ARG A 229 -10.64 -10.35 -6.54
CA ARG A 229 -9.83 -10.24 -7.76
C ARG A 229 -8.47 -10.95 -7.67
N GLY A 230 -7.83 -10.87 -6.51
CA GLY A 230 -6.53 -11.49 -6.34
C GLY A 230 -6.60 -12.99 -6.51
N ALA A 231 -7.69 -13.58 -6.03
CA ALA A 231 -7.88 -15.02 -6.15
C ALA A 231 -8.12 -15.38 -7.60
N ALA A 232 -8.83 -14.51 -8.32
CA ALA A 232 -9.13 -14.72 -9.73
C ALA A 232 -7.83 -14.76 -10.55
N ILE A 233 -6.89 -13.89 -10.20
CA ILE A 233 -5.61 -13.84 -10.88
C ILE A 233 -4.76 -15.07 -10.56
N ILE A 234 -4.76 -15.51 -9.31
CA ILE A 234 -4.00 -16.69 -8.92
C ILE A 234 -4.58 -17.93 -9.61
N ASP A 235 -5.89 -17.95 -9.80
CA ASP A 235 -6.53 -19.07 -10.45
C ASP A 235 -6.19 -19.11 -11.95
N ALA A 236 -5.94 -17.93 -12.53
CA ALA A 236 -5.63 -17.86 -13.95
C ALA A 236 -4.15 -18.04 -14.28
N ARG A 237 -3.29 -17.33 -13.57
CA ARG A 237 -1.84 -17.39 -13.80
C ARG A 237 -1.11 -18.46 -13.01
N GLY A 238 -1.67 -18.84 -11.86
CA GLY A 238 -1.04 -19.84 -11.02
C GLY A 238 -0.26 -19.16 -9.91
N VAL A 239 0.01 -17.87 -10.10
CA VAL A 239 0.75 -17.09 -9.12
C VAL A 239 0.04 -15.77 -8.83
N SER A 240 0.52 -15.06 -7.80
CA SER A 240 -0.05 -13.78 -7.37
C SER A 240 0.07 -12.64 -8.38
N SER A 241 -0.68 -11.57 -8.13
CA SER A 241 -0.69 -10.41 -8.99
C SER A 241 0.47 -9.46 -8.68
N ALA A 242 1.69 -9.89 -8.95
CA ALA A 242 2.88 -9.10 -8.67
C ALA A 242 2.98 -7.73 -9.37
N ALA A 243 2.84 -7.73 -10.69
CA ALA A 243 2.95 -6.52 -11.48
C ALA A 243 1.92 -5.42 -11.22
N SER A 244 0.67 -5.78 -10.95
CA SER A 244 -0.34 -4.76 -10.68
C SER A 244 -0.17 -4.23 -9.25
N ALA A 245 0.33 -5.07 -8.36
CA ALA A 245 0.58 -4.64 -6.98
C ALA A 245 1.74 -3.65 -6.97
N ALA A 246 2.74 -3.90 -7.81
CA ALA A 246 3.92 -3.04 -7.94
C ALA A 246 3.52 -1.69 -8.49
N ASN A 247 2.62 -1.69 -9.46
CA ASN A 247 2.12 -0.49 -10.10
C ASN A 247 1.37 0.38 -9.08
N ALA A 248 0.54 -0.27 -8.27
CA ALA A 248 -0.25 0.40 -7.25
C ALA A 248 0.65 1.07 -6.22
N ALA A 249 1.78 0.42 -5.91
CA ALA A 249 2.73 0.96 -4.94
C ALA A 249 3.35 2.25 -5.47
N ILE A 250 3.65 2.25 -6.77
CA ILE A 250 4.24 3.39 -7.45
C ILE A 250 3.23 4.51 -7.46
N ASP A 251 1.97 4.15 -7.72
CA ASP A 251 0.88 5.13 -7.74
C ASP A 251 0.76 5.78 -6.37
N HIS A 252 0.82 4.96 -5.33
CA HIS A 252 0.73 5.44 -3.94
C HIS A 252 1.79 6.49 -3.63
N ILE A 253 3.07 6.12 -3.74
CA ILE A 253 4.16 7.05 -3.44
C ILE A 253 4.19 8.27 -4.36
N HIS A 254 3.91 8.04 -5.64
CA HIS A 254 3.89 9.09 -6.65
C HIS A 254 2.88 10.17 -6.31
N ASP A 255 1.65 9.76 -6.05
CA ASP A 255 0.59 10.71 -5.72
C ASP A 255 0.82 11.40 -4.37
N TRP A 256 1.35 10.67 -3.41
CA TRP A 256 1.63 11.21 -2.09
C TRP A 256 2.68 12.32 -2.15
N VAL A 257 3.80 12.03 -2.78
CA VAL A 257 4.91 12.96 -2.92
C VAL A 257 4.66 14.08 -3.94
N LEU A 258 4.14 13.73 -5.12
CA LEU A 258 3.91 14.74 -6.16
C LEU A 258 2.57 15.50 -6.14
N GLY A 259 1.55 14.95 -5.49
CA GLY A 259 0.27 15.63 -5.43
C GLY A 259 -0.79 15.14 -6.41
N THR A 260 -2.06 15.11 -5.98
CA THR A 260 -3.16 14.66 -6.83
C THR A 260 -3.88 15.79 -7.55
N ALA A 261 -3.44 17.03 -7.32
CA ALA A 261 -4.04 18.20 -7.94
C ALA A 261 -5.56 18.31 -7.76
N GLY A 262 -6.05 18.04 -6.56
CA GLY A 262 -7.47 18.15 -6.29
C GLY A 262 -8.18 16.82 -6.41
N LYS A 263 -7.63 15.91 -7.20
CA LYS A 263 -8.22 14.59 -7.37
C LYS A 263 -8.22 13.79 -6.06
N TRP A 264 -9.25 12.96 -5.86
CA TRP A 264 -9.34 12.13 -4.66
C TRP A 264 -8.65 10.80 -4.95
N THR A 265 -8.12 10.18 -3.92
CA THR A 265 -7.50 8.87 -4.07
C THR A 265 -7.68 8.10 -2.77
N THR A 266 -7.17 6.87 -2.71
CA THR A 266 -7.30 6.06 -1.51
C THR A 266 -5.93 5.78 -0.90
N MET A 267 -5.82 6.00 0.41
CA MET A 267 -4.59 5.74 1.16
C MET A 267 -4.92 5.14 2.52
N GLY A 268 -4.23 4.06 2.91
CA GLY A 268 -4.47 3.48 4.22
C GLY A 268 -3.65 4.32 5.19
N ILE A 269 -4.30 5.18 5.96
CA ILE A 269 -3.59 6.07 6.88
C ILE A 269 -4.07 5.91 8.33
N PRO A 270 -3.32 6.46 9.30
CA PRO A 270 -3.73 6.36 10.71
C PRO A 270 -4.96 7.23 10.91
N SER A 271 -6.00 6.67 11.51
CA SER A 271 -7.23 7.44 11.73
C SER A 271 -7.05 8.57 12.74
N ASP A 272 -7.57 9.74 12.41
CA ASP A 272 -7.53 10.87 13.33
C ASP A 272 -8.88 10.98 14.02
N GLY A 273 -9.72 9.97 13.81
CA GLY A 273 -11.03 9.95 14.40
C GLY A 273 -12.15 10.28 13.42
N SER A 274 -11.80 10.68 12.19
CA SER A 274 -12.80 11.01 11.18
C SER A 274 -13.70 9.81 10.88
N TYR A 275 -14.99 10.09 10.65
CA TYR A 275 -15.99 9.06 10.33
C TYR A 275 -16.15 7.99 11.39
N GLY A 276 -15.91 8.37 12.64
CA GLY A 276 -16.05 7.43 13.74
C GLY A 276 -15.03 6.31 13.80
N ILE A 277 -13.94 6.44 13.06
CA ILE A 277 -12.90 5.42 13.08
C ILE A 277 -11.94 5.74 14.23
N PRO A 278 -11.75 4.79 15.15
CA PRO A 278 -10.85 4.99 16.28
C PRO A 278 -9.47 5.53 15.85
N GLU A 279 -8.94 6.49 16.60
CA GLU A 279 -7.64 7.08 16.31
C GLU A 279 -6.56 6.01 16.33
N GLY A 280 -5.58 6.11 15.44
CA GLY A 280 -4.50 5.13 15.41
C GLY A 280 -4.70 3.95 14.47
N VAL A 281 -5.95 3.55 14.25
CA VAL A 281 -6.23 2.43 13.34
C VAL A 281 -5.91 2.85 11.90
N ILE A 282 -5.06 2.07 11.23
CA ILE A 282 -4.66 2.33 9.85
C ILE A 282 -5.89 1.93 9.03
N PHE A 283 -6.48 2.89 8.33
CA PHE A 283 -7.71 2.63 7.61
C PHE A 283 -7.73 3.30 6.26
N GLY A 284 -8.39 2.67 5.30
CA GLY A 284 -8.51 3.24 3.98
C GLY A 284 -9.46 4.43 4.04
N PHE A 285 -9.00 5.59 3.57
CA PHE A 285 -9.78 6.82 3.57
C PHE A 285 -9.62 7.56 2.25
N PRO A 286 -10.64 8.32 1.85
CA PRO A 286 -10.53 9.10 0.60
C PRO A 286 -9.68 10.30 0.98
N VAL A 287 -8.64 10.61 0.21
CA VAL A 287 -7.77 11.76 0.52
C VAL A 287 -7.34 12.50 -0.74
N THR A 288 -6.86 13.72 -0.56
CA THR A 288 -6.30 14.51 -1.64
C THR A 288 -4.89 14.76 -1.11
N THR A 289 -3.92 14.96 -1.98
CA THR A 289 -2.56 15.20 -1.53
C THR A 289 -1.98 16.45 -2.16
N GLU A 290 -1.03 17.06 -1.47
CA GLU A 290 -0.36 18.25 -1.95
C GLU A 290 0.85 18.53 -1.05
N ASN A 291 1.97 18.91 -1.65
CA ASN A 291 3.21 19.22 -0.91
C ASN A 291 3.70 18.09 -0.02
N GLY A 292 3.49 16.86 -0.45
CA GLY A 292 3.93 15.71 0.34
C GLY A 292 3.07 15.40 1.56
N GLU A 293 1.88 15.97 1.63
CA GLU A 293 0.97 15.74 2.74
C GLU A 293 -0.39 15.31 2.21
N TYR A 294 -1.14 14.54 3.00
CA TYR A 294 -2.47 14.12 2.59
C TYR A 294 -3.54 14.77 3.45
N LYS A 295 -4.78 14.72 2.98
CA LYS A 295 -5.87 15.32 3.71
C LYS A 295 -7.13 14.50 3.46
N ILE A 296 -7.75 14.05 4.53
CA ILE A 296 -8.97 13.26 4.46
C ILE A 296 -10.12 14.11 3.97
N VAL A 297 -10.83 13.59 2.96
CA VAL A 297 -12.00 14.29 2.41
C VAL A 297 -13.11 14.19 3.46
N GLN A 298 -13.57 15.36 3.93
CA GLN A 298 -14.62 15.44 4.96
C GLN A 298 -16.01 15.71 4.42
N GLY A 299 -17.00 15.42 5.25
CA GLY A 299 -18.38 15.69 4.88
C GLY A 299 -19.14 14.68 4.05
N LEU A 300 -18.57 13.50 3.80
CA LEU A 300 -19.27 12.49 3.04
C LEU A 300 -20.38 11.91 3.88
N SER A 301 -21.48 11.57 3.23
CA SER A 301 -22.63 10.98 3.91
C SER A 301 -22.40 9.48 4.02
N ILE A 302 -22.73 8.92 5.17
CA ILE A 302 -22.58 7.49 5.39
C ILE A 302 -23.97 6.90 5.63
N ASP A 303 -24.50 6.23 4.62
CA ASP A 303 -25.82 5.61 4.75
C ASP A 303 -25.75 4.29 5.51
N ALA A 304 -26.89 3.67 5.74
CA ALA A 304 -26.96 2.41 6.46
C ALA A 304 -26.08 1.34 5.86
N PHE A 305 -26.15 1.17 4.54
CA PHE A 305 -25.35 0.15 3.86
C PHE A 305 -23.87 0.42 4.07
N SER A 306 -23.47 1.67 3.91
CA SER A 306 -22.07 2.03 4.08
C SER A 306 -21.59 1.79 5.50
N GLN A 307 -22.44 2.10 6.48
CA GLN A 307 -22.05 1.91 7.87
C GLN A 307 -21.84 0.43 8.17
N GLU A 308 -22.64 -0.42 7.56
CA GLU A 308 -22.48 -1.85 7.79
C GLU A 308 -21.21 -2.38 7.15
N ARG A 309 -20.86 -1.88 5.98
CA ARG A 309 -19.64 -2.34 5.33
C ARG A 309 -18.45 -1.81 6.12
N ILE A 310 -18.51 -0.56 6.53
CA ILE A 310 -17.44 0.03 7.31
C ILE A 310 -17.26 -0.73 8.62
N ASN A 311 -18.37 -1.09 9.26
CA ASN A 311 -18.32 -1.81 10.53
C ASN A 311 -17.63 -3.16 10.39
N VAL A 312 -17.86 -3.84 9.27
CA VAL A 312 -17.24 -5.15 9.02
C VAL A 312 -15.73 -5.06 8.82
N THR A 313 -15.29 -4.14 7.98
CA THR A 313 -13.86 -3.99 7.73
C THR A 313 -13.14 -3.47 9.00
N LEU A 314 -13.82 -2.64 9.77
CA LEU A 314 -13.27 -2.10 11.00
C LEU A 314 -13.08 -3.20 12.03
N ASN A 315 -14.08 -4.07 12.13
CA ASN A 315 -14.02 -5.15 13.09
C ASN A 315 -12.90 -6.14 12.80
N GLU A 316 -12.62 -6.38 11.52
CA GLU A 316 -11.55 -7.28 11.14
C GLU A 316 -10.21 -6.69 11.57
N LEU A 317 -10.09 -5.37 11.42
CA LEU A 317 -8.88 -4.64 11.79
C LEU A 317 -8.69 -4.66 13.32
N LEU A 318 -9.78 -4.55 14.07
CA LEU A 318 -9.69 -4.59 15.54
C LEU A 318 -9.31 -5.99 16.01
N GLU A 319 -9.70 -7.01 15.25
CA GLU A 319 -9.37 -8.39 15.60
C GLU A 319 -7.88 -8.59 15.40
N GLU A 320 -7.35 -8.00 14.34
CA GLU A 320 -5.92 -8.11 14.04
C GLU A 320 -5.06 -7.36 15.04
N GLN A 321 -5.54 -6.21 15.45
CA GLN A 321 -4.86 -5.36 16.42
C GLN A 321 -4.79 -6.07 17.79
N ASN A 322 -5.90 -6.69 18.18
CA ASN A 322 -5.99 -7.41 19.45
C ASN A 322 -4.98 -8.56 19.45
N GLY A 323 -4.80 -9.17 18.29
CA GLY A 323 -3.88 -10.29 18.16
C GLY A 323 -2.39 -10.00 18.14
N VAL A 324 -1.99 -8.74 18.04
CA VAL A 324 -0.57 -8.40 18.01
C VAL A 324 -0.20 -7.47 19.16
N GLN A 325 -1.22 -7.03 19.88
CA GLN A 325 -1.09 -6.12 21.01
C GLN A 325 -0.02 -6.53 22.03
N HIS A 326 0.10 -7.83 22.28
CA HIS A 326 1.09 -8.33 23.24
C HIS A 326 2.54 -8.19 22.80
N LEU A 327 2.79 -8.03 21.50
CA LEU A 327 4.13 -7.87 20.97
C LEU A 327 4.57 -6.42 21.03
N LEU A 328 3.64 -5.50 21.25
CA LEU A 328 3.99 -4.10 21.28
C LEU A 328 4.41 -3.71 22.70
N GLY A 329 5.36 -2.78 22.81
CA GLY A 329 5.85 -2.32 24.10
C GLY A 329 7.22 -2.84 24.49
#